data_4EOT
#
_entry.id   4EOT
#
_cell.length_a   116.100
_cell.length_b   116.100
_cell.length_c   85.080
_cell.angle_alpha   90.00
_cell.angle_beta   90.00
_cell.angle_gamma   120.00
#
_symmetry.space_group_name_H-M   'P 31 2 1'
#
loop_
_entity.id
_entity.type
_entity.pdbx_description
1 polymer 'Transcription factor MafA'
2 polymer "5'-D(*CP*CP*GP*GP*TP*GP*CP*TP*GP*AP*GP*TP*CP*AP*GP*CP*AP*GP*G)-3'"
3 polymer "5'-D(*CP*CP*CP*TP*GP*CP*TP*GP*AP*CP*TP*CP*AP*GP*CP*AP*CP*CP*G)-3'"
4 non-polymer 'SULFATE ION'
5 water water
#
loop_
_entity_poly.entity_id
_entity_poly.type
_entity_poly.pdbx_seq_one_letter_code
_entity_poly.pdbx_strand_id
1 'polypeptide(L)'
;GSRFSDDQLVSMSVRELNRQLRGFSKEEVIRLKQKRRTLKNRGYAQSCRFKRVQQRHILESEKCQLQSQVEQLKLEVGRL
AKERDLYKEKYEKLA
;
A,B
2 'polydeoxyribonucleotide' (DC)(DC)(DG)(DG)(DT)(DG)(DC)(DT)(DG)(DA)(DG)(DT)(DC)(DA)(DG)(DC)(DA)(DG)(DG) C
3 'polydeoxyribonucleotide' (DC)(DC)(DC)(DT)(DG)(DC)(DT)(DG)(DA)(DC)(DT)(DC)(DA)(DG)(DC)(DA)(DC)(DC)(DG) D
#
# COMPACT_ATOMS: atom_id res chain seq x y z
N ARG A 3 32.64 -25.73 -0.10
CA ARG A 3 32.25 -25.51 -1.48
C ARG A 3 32.52 -24.07 -1.90
N PHE A 4 31.54 -23.20 -1.67
CA PHE A 4 31.65 -21.79 -1.99
C PHE A 4 30.69 -20.98 -1.13
N SER A 5 30.71 -19.66 -1.30
CA SER A 5 29.84 -18.79 -0.52
C SER A 5 28.62 -18.35 -1.33
N ASP A 6 27.57 -17.93 -0.63
CA ASP A 6 26.33 -17.50 -1.27
C ASP A 6 26.52 -16.21 -2.07
N ASP A 7 27.24 -15.26 -1.49
CA ASP A 7 27.45 -13.96 -2.12
C ASP A 7 28.14 -14.08 -3.47
N GLN A 8 29.14 -14.95 -3.54
CA GLN A 8 29.86 -15.19 -4.79
C GLN A 8 29.02 -15.99 -5.75
N LEU A 9 28.20 -16.89 -5.21
CA LEU A 9 27.38 -17.79 -6.01
C LEU A 9 26.27 -17.04 -6.76
N VAL A 10 25.92 -15.87 -6.26
CA VAL A 10 24.84 -15.08 -6.84
C VAL A 10 25.37 -14.03 -7.81
N SER A 11 26.49 -13.42 -7.45
CA SER A 11 27.07 -12.34 -8.25
C SER A 11 27.75 -12.86 -9.52
N MET A 12 28.26 -14.08 -9.46
CA MET A 12 28.96 -14.69 -10.59
C MET A 12 28.13 -14.73 -11.86
N SER A 13 28.79 -14.55 -13.00
CA SER A 13 28.13 -14.66 -14.29
C SER A 13 28.03 -16.13 -14.67
N VAL A 14 27.19 -16.43 -15.66
CA VAL A 14 27.01 -17.80 -16.11
C VAL A 14 28.29 -18.34 -16.72
N ARG A 15 29.00 -17.47 -17.44
CA ARG A 15 30.26 -17.85 -18.08
C ARG A 15 31.33 -18.19 -17.03
N GLU A 16 31.34 -17.44 -15.94
CA GLU A 16 32.28 -17.69 -14.85
C GLU A 16 31.86 -18.89 -14.03
N LEU A 17 30.56 -18.99 -13.74
CA LEU A 17 30.04 -20.08 -12.91
C LEU A 17 30.25 -21.43 -13.57
N ASN A 18 29.94 -21.52 -14.85
CA ASN A 18 30.12 -22.76 -15.60
C ASN A 18 31.58 -23.22 -15.63
N ARG A 19 32.48 -22.28 -15.88
CA ARG A 19 33.91 -22.57 -15.88
C ARG A 19 34.37 -22.95 -14.48
N GLN A 20 33.68 -22.42 -13.48
CA GLN A 20 34.04 -22.66 -12.08
C GLN A 20 33.71 -24.08 -11.65
N LEU A 21 32.72 -24.69 -12.29
CA LEU A 21 32.33 -26.06 -11.95
C LEU A 21 32.60 -27.07 -13.07
N ARG A 22 33.63 -26.81 -13.87
CA ARG A 22 34.11 -27.80 -14.82
C ARG A 22 34.81 -28.91 -14.04
N GLY A 23 34.23 -30.11 -14.08
CA GLY A 23 34.82 -31.24 -13.39
C GLY A 23 33.90 -31.81 -12.32
N PHE A 24 32.99 -30.98 -11.82
CA PHE A 24 32.04 -31.42 -10.81
C PHE A 24 31.05 -32.43 -11.36
N SER A 25 30.52 -33.29 -10.50
CA SER A 25 29.52 -34.27 -10.89
C SER A 25 28.25 -33.55 -11.34
N LYS A 26 27.43 -34.25 -12.13
CA LYS A 26 26.19 -33.67 -12.63
C LYS A 26 25.26 -33.28 -11.49
N GLU A 27 25.11 -34.18 -10.52
CA GLU A 27 24.25 -33.94 -9.37
C GLU A 27 24.63 -32.66 -8.61
N GLU A 28 25.94 -32.46 -8.41
CA GLU A 28 26.41 -31.30 -7.68
C GLU A 28 26.19 -30.02 -8.49
N VAL A 29 26.46 -30.10 -9.80
CA VAL A 29 26.23 -28.98 -10.69
C VAL A 29 24.78 -28.53 -10.66
N ILE A 30 23.86 -29.47 -10.84
CA ILE A 30 22.44 -29.20 -10.77
C ILE A 30 22.04 -28.65 -9.40
N ARG A 31 22.59 -29.24 -8.35
CA ARG A 31 22.33 -28.80 -6.99
C ARG A 31 22.76 -27.35 -6.78
N LEU A 32 23.98 -27.04 -7.18
CA LEU A 32 24.52 -25.70 -7.04
C LEU A 32 23.74 -24.68 -7.86
N LYS A 33 23.36 -25.08 -9.07
CA LYS A 33 22.58 -24.21 -9.95
C LYS A 33 21.21 -23.88 -9.35
N GLN A 34 20.57 -24.89 -8.77
CA GLN A 34 19.27 -24.68 -8.11
C GLN A 34 19.43 -23.76 -6.91
N LYS A 35 20.57 -23.85 -6.23
CA LYS A 35 20.85 -23.00 -5.08
C LYS A 35 20.99 -21.54 -5.50
N ARG A 36 21.62 -21.32 -6.66
CA ARG A 36 21.76 -19.97 -7.19
C ARG A 36 20.40 -19.38 -7.54
N ARG A 37 19.51 -20.21 -8.07
CA ARG A 37 18.18 -19.77 -8.44
C ARG A 37 17.37 -19.42 -7.20
N THR A 38 17.47 -20.27 -6.18
CA THR A 38 16.78 -20.05 -4.91
C THR A 38 17.21 -18.73 -4.28
N LEU A 39 18.52 -18.56 -4.15
CA LEU A 39 19.08 -17.34 -3.58
C LEU A 39 18.64 -16.10 -4.34
N LYS A 40 18.58 -16.21 -5.66
CA LYS A 40 18.14 -15.11 -6.50
C LYS A 40 16.67 -14.77 -6.22
N ASN A 41 15.83 -15.79 -6.18
CA ASN A 41 14.41 -15.62 -5.89
C ASN A 41 14.19 -14.98 -4.51
N ARG A 42 15.06 -15.33 -3.56
CA ARG A 42 15.01 -14.76 -2.22
C ARG A 42 15.16 -13.24 -2.27
N GLY A 43 16.13 -12.78 -3.04
CA GLY A 43 16.38 -11.35 -3.17
C GLY A 43 15.40 -10.64 -4.08
N TYR A 44 14.82 -11.39 -5.02
CA TYR A 44 13.80 -10.83 -5.91
C TYR A 44 12.60 -10.43 -5.08
N ALA A 45 12.15 -11.34 -4.22
CA ALA A 45 11.03 -11.08 -3.33
C ALA A 45 11.37 -9.97 -2.35
N GLN A 46 12.64 -9.87 -1.96
CA GLN A 46 13.09 -8.82 -1.05
C GLN A 46 12.94 -7.44 -1.68
N SER A 47 13.30 -7.33 -2.95
CA SER A 47 13.18 -6.07 -3.68
C SER A 47 11.72 -5.72 -3.95
N CYS A 48 10.94 -6.74 -4.33
CA CYS A 48 9.53 -6.56 -4.65
C CYS A 48 8.76 -6.00 -3.45
N ARG A 49 8.97 -6.58 -2.29
CA ARG A 49 8.34 -6.09 -1.07
C ARG A 49 8.89 -4.72 -0.71
N PHE A 50 10.16 -4.51 -1.00
CA PHE A 50 10.80 -3.22 -0.75
C PHE A 50 10.17 -2.14 -1.61
N LYS A 51 10.01 -2.42 -2.89
CA LYS A 51 9.41 -1.47 -3.82
C LYS A 51 7.96 -1.17 -3.45
N ARG A 52 7.27 -2.21 -2.96
CA ARG A 52 5.87 -2.09 -2.58
C ARG A 52 5.73 -1.12 -1.41
N VAL A 53 6.59 -1.28 -0.41
CA VAL A 53 6.58 -0.41 0.76
C VAL A 53 6.92 1.02 0.39
N GLN A 54 7.99 1.19 -0.39
CA GLN A 54 8.43 2.51 -0.83
C GLN A 54 7.32 3.21 -1.62
N GLN A 55 6.69 2.48 -2.53
CA GLN A 55 5.57 3.03 -3.30
C GLN A 55 4.45 3.49 -2.37
N ARG A 56 4.19 2.69 -1.35
CA ARG A 56 3.12 2.98 -0.40
C ARG A 56 3.41 4.27 0.36
N HIS A 57 4.67 4.47 0.73
CA HIS A 57 5.07 5.65 1.48
C HIS A 57 5.02 6.91 0.63
N ILE A 58 5.34 6.77 -0.66
CA ILE A 58 5.27 7.89 -1.60
C ILE A 58 3.82 8.37 -1.70
N LEU A 59 2.91 7.43 -1.83
CA LEU A 59 1.48 7.74 -1.96
C LEU A 59 0.92 8.44 -0.72
N GLU A 60 1.27 7.95 0.46
CA GLU A 60 0.78 8.53 1.70
C GLU A 60 1.25 9.97 1.90
N SER A 61 2.49 10.24 1.53
CA SER A 61 3.05 11.58 1.67
C SER A 61 2.33 12.56 0.75
N GLU A 62 1.99 12.11 -0.45
CA GLU A 62 1.26 12.93 -1.40
C GLU A 62 -0.12 13.31 -0.85
N LYS A 63 -0.83 12.32 -0.32
CA LYS A 63 -2.17 12.55 0.20
C LYS A 63 -2.15 13.44 1.44
N CYS A 64 -1.05 13.42 2.18
CA CYS A 64 -0.90 14.29 3.34
C CYS A 64 -0.66 15.73 2.90
N GLN A 65 0.10 15.89 1.82
CA GLN A 65 0.37 17.22 1.27
C GLN A 65 -0.91 17.81 0.67
N LEU A 66 -1.66 16.98 -0.04
CA LEU A 66 -2.91 17.39 -0.65
C LEU A 66 -3.94 17.82 0.40
N GLN A 67 -4.12 17.00 1.42
CA GLN A 67 -5.06 17.32 2.50
C GLN A 67 -4.66 18.61 3.20
N SER A 68 -3.36 18.80 3.37
CA SER A 68 -2.84 20.02 3.95
C SER A 68 -3.13 21.19 3.03
N GLN A 69 -2.96 20.96 1.73
CA GLN A 69 -3.22 21.98 0.73
C GLN A 69 -4.70 22.37 0.72
N VAL A 70 -5.57 21.37 0.82
CA VAL A 70 -7.01 21.61 0.91
C VAL A 70 -7.32 22.44 2.15
N GLU A 71 -6.69 22.09 3.26
CA GLU A 71 -6.87 22.81 4.51
C GLU A 71 -6.47 24.28 4.33
N GLN A 72 -5.36 24.52 3.65
CA GLN A 72 -4.90 25.88 3.36
C GLN A 72 -5.95 26.66 2.57
N LEU A 73 -6.40 26.08 1.46
CA LEU A 73 -7.34 26.72 0.57
C LEU A 73 -8.67 27.02 1.27
N LYS A 74 -9.14 26.07 2.07
CA LYS A 74 -10.37 26.26 2.85
C LYS A 74 -10.25 27.48 3.75
N LEU A 75 -9.12 27.59 4.46
CA LEU A 75 -8.85 28.73 5.31
C LEU A 75 -8.77 30.02 4.48
N GLU A 76 -8.30 29.88 3.25
CA GLU A 76 -8.09 31.03 2.37
C GLU A 76 -9.41 31.62 1.89
N VAL A 77 -10.36 30.77 1.51
CA VAL A 77 -11.66 31.26 1.07
C VAL A 77 -12.41 31.89 2.25
N GLY A 78 -12.15 31.39 3.46
CA GLY A 78 -12.78 31.91 4.64
C GLY A 78 -12.25 33.29 4.98
N ARG A 79 -11.00 33.53 4.58
CA ARG A 79 -10.35 34.81 4.83
C ARG A 79 -10.78 35.83 3.78
N LEU A 80 -10.85 35.40 2.53
CA LEU A 80 -11.24 36.27 1.43
C LEU A 80 -12.70 36.69 1.52
N ALA A 81 -13.56 35.76 1.92
CA ALA A 81 -14.98 36.04 2.07
C ALA A 81 -15.23 37.05 3.18
N LYS A 82 -14.47 36.92 4.27
CA LYS A 82 -14.59 37.84 5.39
C LYS A 82 -14.11 39.23 4.97
N GLU A 83 -12.99 39.29 4.25
CA GLU A 83 -12.45 40.54 3.75
C GLU A 83 -13.41 41.20 2.77
N ARG A 84 -13.93 40.42 1.83
CA ARG A 84 -14.86 40.94 0.83
C ARG A 84 -16.12 41.52 1.47
N ASP A 85 -16.64 40.83 2.48
CA ASP A 85 -17.83 41.28 3.18
C ASP A 85 -17.55 42.51 4.03
N LEU A 86 -16.35 42.56 4.61
CA LEU A 86 -15.95 43.69 5.45
C LEU A 86 -15.91 44.98 4.63
N TYR A 87 -15.33 44.91 3.44
CA TYR A 87 -15.25 46.06 2.56
C TYR A 87 -16.62 46.47 2.06
N LYS A 88 -17.53 45.50 1.93
CA LYS A 88 -18.89 45.79 1.52
C LYS A 88 -19.58 46.71 2.52
N GLU A 89 -19.44 46.39 3.80
CA GLU A 89 -20.01 47.19 4.87
C GLU A 89 -19.41 48.59 4.91
N LYS A 90 -18.10 48.68 4.79
CA LYS A 90 -17.40 49.96 4.80
C LYS A 90 -17.76 50.80 3.58
N TYR A 91 -17.97 50.13 2.44
CA TYR A 91 -18.31 50.81 1.20
C TYR A 91 -19.75 51.29 1.18
N GLU A 92 -20.67 50.41 1.56
CA GLU A 92 -22.10 50.73 1.58
C GLU A 92 -22.38 51.92 2.49
N LYS A 93 -21.64 52.00 3.59
CA LYS A 93 -21.79 53.10 4.55
C LYS A 93 -21.42 54.44 3.91
N LEU A 94 -20.20 54.54 3.41
CA LEU A 94 -19.72 55.77 2.79
C LEU A 94 -20.32 55.94 1.40
N PHE B 4 -12.95 -35.29 7.54
CA PHE B 4 -11.77 -36.03 7.10
C PHE B 4 -11.08 -35.33 5.92
N SER B 5 -11.86 -34.91 4.93
CA SER B 5 -11.31 -34.23 3.76
C SER B 5 -10.94 -32.78 4.08
N ASP B 6 -10.18 -32.16 3.20
CA ASP B 6 -9.70 -30.80 3.42
C ASP B 6 -10.81 -29.76 3.55
N ASP B 7 -11.83 -29.87 2.70
CA ASP B 7 -12.93 -28.92 2.71
C ASP B 7 -13.75 -29.04 3.99
N GLN B 8 -13.98 -30.26 4.44
CA GLN B 8 -14.72 -30.50 5.67
C GLN B 8 -13.91 -30.12 6.90
N LEU B 9 -12.60 -30.37 6.83
CA LEU B 9 -11.71 -30.11 7.95
C LEU B 9 -11.61 -28.61 8.24
N VAL B 10 -11.58 -27.81 7.17
CA VAL B 10 -11.42 -26.37 7.32
C VAL B 10 -12.76 -25.68 7.66
N SER B 11 -13.86 -26.39 7.42
CA SER B 11 -15.19 -25.81 7.58
C SER B 11 -15.73 -25.96 9.00
N MET B 12 -15.59 -27.14 9.57
CA MET B 12 -16.11 -27.41 10.90
C MET B 12 -15.27 -26.74 11.98
N SER B 13 -15.93 -26.34 13.07
CA SER B 13 -15.26 -25.68 14.18
C SER B 13 -14.43 -26.68 14.98
N VAL B 14 -13.48 -26.18 15.76
CA VAL B 14 -12.65 -27.03 16.60
C VAL B 14 -13.50 -27.74 17.65
N ARG B 15 -14.64 -27.14 17.98
CA ARG B 15 -15.61 -27.77 18.86
C ARG B 15 -16.25 -28.96 18.15
N GLU B 16 -16.69 -28.74 16.92
CA GLU B 16 -17.26 -29.81 16.10
C GLU B 16 -16.18 -30.80 15.70
N LEU B 17 -14.94 -30.34 15.63
CA LEU B 17 -13.81 -31.18 15.26
C LEU B 17 -13.51 -32.21 16.33
N ASN B 18 -13.37 -31.74 17.56
CA ASN B 18 -13.04 -32.61 18.69
C ASN B 18 -14.05 -33.73 18.91
N ARG B 19 -15.32 -33.43 18.62
CA ARG B 19 -16.38 -34.43 18.73
C ARG B 19 -16.24 -35.50 17.66
N GLN B 20 -15.94 -35.07 16.44
CA GLN B 20 -15.72 -36.00 15.33
C GLN B 20 -14.36 -36.67 15.47
N LEU B 21 -13.44 -36.00 16.14
CA LEU B 21 -12.10 -36.54 16.36
C LEU B 21 -12.09 -37.58 17.48
N ARG B 22 -13.24 -37.75 18.14
CA ARG B 22 -13.38 -38.76 19.17
C ARG B 22 -13.30 -40.14 18.54
N GLY B 23 -12.39 -40.97 19.04
CA GLY B 23 -12.18 -42.29 18.49
C GLY B 23 -10.97 -42.36 17.60
N PHE B 24 -10.08 -41.38 17.73
CA PHE B 24 -8.86 -41.34 16.95
C PHE B 24 -7.63 -41.30 17.85
N SER B 25 -6.53 -41.86 17.36
CA SER B 25 -5.28 -41.89 18.11
C SER B 25 -4.77 -40.48 18.35
N LYS B 26 -4.14 -40.27 19.50
CA LYS B 26 -3.62 -38.95 19.88
C LYS B 26 -2.62 -38.42 18.85
N GLU B 27 -1.96 -39.34 18.16
CA GLU B 27 -1.04 -38.98 17.08
C GLU B 27 -1.79 -38.32 15.94
N GLU B 28 -2.92 -38.92 15.55
CA GLU B 28 -3.72 -38.43 14.43
C GLU B 28 -4.45 -37.12 14.73
N VAL B 29 -4.93 -36.97 15.97
CA VAL B 29 -5.68 -35.78 16.35
C VAL B 29 -4.83 -34.51 16.23
N ILE B 30 -3.59 -34.58 16.69
CA ILE B 30 -2.69 -33.44 16.58
C ILE B 30 -2.25 -33.23 15.13
N ARG B 31 -2.25 -34.31 14.36
CA ARG B 31 -1.88 -34.25 12.95
C ARG B 31 -2.99 -33.60 12.13
N LEU B 32 -4.24 -33.92 12.47
CA LEU B 32 -5.39 -33.35 11.77
C LEU B 32 -5.61 -31.89 12.16
N LYS B 33 -5.41 -31.58 13.43
CA LYS B 33 -5.57 -30.21 13.92
C LYS B 33 -4.58 -29.26 13.26
N GLN B 34 -3.37 -29.74 13.01
CA GLN B 34 -2.34 -28.90 12.40
C GLN B 34 -2.52 -28.82 10.89
N LYS B 35 -3.23 -29.79 10.33
CA LYS B 35 -3.59 -29.75 8.91
C LYS B 35 -4.65 -28.68 8.69
N ARG B 36 -5.54 -28.54 9.66
CA ARG B 36 -6.60 -27.54 9.62
C ARG B 36 -6.01 -26.13 9.65
N ARG B 37 -5.05 -25.93 10.53
CA ARG B 37 -4.39 -24.64 10.70
C ARG B 37 -3.72 -24.20 9.40
N THR B 38 -3.08 -25.14 8.73
CA THR B 38 -2.41 -24.87 7.46
C THR B 38 -3.40 -24.41 6.40
N LEU B 39 -4.51 -25.12 6.29
CA LEU B 39 -5.55 -24.77 5.33
C LEU B 39 -6.18 -23.41 5.63
N LYS B 40 -6.28 -23.07 6.91
CA LYS B 40 -6.85 -21.78 7.28
C LYS B 40 -5.87 -20.64 7.00
N ASN B 41 -4.58 -20.90 7.23
CA ASN B 41 -3.54 -19.93 6.91
C ASN B 41 -3.52 -19.62 5.42
N ARG B 42 -3.91 -20.61 4.62
CA ARG B 42 -4.01 -20.44 3.18
C ARG B 42 -5.07 -19.37 2.88
N GLY B 43 -6.17 -19.42 3.61
CA GLY B 43 -7.23 -18.43 3.46
C GLY B 43 -6.84 -17.08 4.03
N TYR B 44 -6.10 -17.09 5.13
CA TYR B 44 -5.63 -15.85 5.75
C TYR B 44 -4.69 -15.11 4.80
N ALA B 45 -3.90 -15.88 4.06
CA ALA B 45 -2.97 -15.30 3.10
C ALA B 45 -3.72 -14.61 1.96
N GLN B 46 -4.78 -15.26 1.48
CA GLN B 46 -5.60 -14.71 0.40
C GLN B 46 -6.20 -13.37 0.81
N SER B 47 -6.72 -13.29 2.03
CA SER B 47 -7.31 -12.06 2.54
C SER B 47 -6.26 -10.96 2.70
N CYS B 48 -5.10 -11.34 3.21
CA CYS B 48 -4.01 -10.39 3.44
C CYS B 48 -3.57 -9.74 2.14
N ARG B 49 -3.38 -10.55 1.11
CA ARG B 49 -2.97 -10.04 -0.19
CA ARG B 49 -2.98 -10.07 -0.21
C ARG B 49 -4.06 -9.17 -0.82
N PHE B 50 -5.32 -9.61 -0.67
CA PHE B 50 -6.45 -8.85 -1.19
C PHE B 50 -6.61 -7.49 -0.52
N LYS B 51 -6.47 -7.47 0.80
CA LYS B 51 -6.59 -6.24 1.58
C LYS B 51 -5.53 -5.23 1.13
N ARG B 52 -4.31 -5.73 0.94
CA ARG B 52 -3.19 -4.92 0.50
C ARG B 52 -3.50 -4.21 -0.81
N VAL B 53 -4.21 -4.91 -1.70
CA VAL B 53 -4.62 -4.34 -2.98
C VAL B 53 -5.66 -3.25 -2.80
N GLN B 54 -6.72 -3.56 -2.06
CA GLN B 54 -7.79 -2.60 -1.81
C GLN B 54 -7.28 -1.31 -1.17
N GLN B 55 -6.34 -1.45 -0.24
CA GLN B 55 -5.76 -0.27 0.41
C GLN B 55 -4.94 0.56 -0.56
N ARG B 56 -4.30 -0.10 -1.52
N ARG B 56 -4.32 -0.11 -1.53
CA ARG B 56 -3.55 0.61 -2.55
CA ARG B 56 -3.54 0.56 -2.56
C ARG B 56 -4.50 1.42 -3.42
C ARG B 56 -4.46 1.37 -3.47
N HIS B 57 -5.67 0.86 -3.68
CA HIS B 57 -6.66 1.51 -4.54
C HIS B 57 -7.33 2.70 -3.87
N ILE B 58 -7.75 2.55 -2.62
CA ILE B 58 -8.42 3.64 -1.91
C ILE B 58 -7.48 4.82 -1.65
N LEU B 59 -6.18 4.55 -1.62
CA LEU B 59 -5.18 5.60 -1.48
C LEU B 59 -5.06 6.35 -2.80
N GLU B 60 -4.84 5.58 -3.87
CA GLU B 60 -4.71 6.15 -5.20
C GLU B 60 -5.99 6.85 -5.65
N SER B 61 -7.11 6.44 -5.06
CA SER B 61 -8.40 7.06 -5.36
C SER B 61 -8.60 8.33 -4.56
N GLU B 62 -8.21 8.29 -3.29
CA GLU B 62 -8.32 9.45 -2.41
C GLU B 62 -7.44 10.58 -2.93
N LYS B 63 -6.33 10.21 -3.56
CA LYS B 63 -5.42 11.17 -4.16
C LYS B 63 -6.12 11.96 -5.25
N CYS B 64 -7.00 11.29 -5.99
CA CYS B 64 -7.76 11.92 -7.06
C CYS B 64 -8.92 12.74 -6.51
N GLN B 65 -9.51 12.26 -5.42
CA GLN B 65 -10.62 12.96 -4.79
C GLN B 65 -10.15 14.26 -4.12
N LEU B 66 -8.85 14.35 -3.87
CA LEU B 66 -8.26 15.55 -3.28
C LEU B 66 -7.76 16.52 -4.36
N GLN B 67 -7.12 15.97 -5.38
CA GLN B 67 -6.65 16.77 -6.51
C GLN B 67 -7.82 17.50 -7.17
N SER B 68 -8.94 16.80 -7.31
CA SER B 68 -10.14 17.38 -7.90
C SER B 68 -10.72 18.47 -6.99
N GLN B 69 -10.52 18.31 -5.69
CA GLN B 69 -11.01 19.28 -4.72
C GLN B 69 -10.12 20.52 -4.69
N VAL B 70 -8.82 20.29 -4.73
CA VAL B 70 -7.84 21.38 -4.77
C VAL B 70 -8.08 22.30 -5.95
N GLU B 71 -8.25 21.70 -7.13
CA GLU B 71 -8.51 22.47 -8.34
C GLU B 71 -9.84 23.21 -8.24
N GLN B 72 -10.81 22.61 -7.57
CA GLN B 72 -12.10 23.25 -7.39
C GLN B 72 -12.00 24.43 -6.43
N LEU B 73 -11.08 24.33 -5.48
CA LEU B 73 -10.89 25.38 -4.48
C LEU B 73 -10.07 26.55 -5.01
N LYS B 74 -9.09 26.25 -5.87
CA LYS B 74 -8.29 27.30 -6.48
C LYS B 74 -9.14 28.21 -7.35
N LEU B 75 -10.20 27.64 -7.93
CA LEU B 75 -11.15 28.43 -8.71
C LEU B 75 -11.97 29.30 -7.77
N GLU B 76 -12.25 28.78 -6.57
CA GLU B 76 -13.07 29.49 -5.60
C GLU B 76 -12.34 30.71 -5.03
N VAL B 77 -11.04 30.59 -4.80
CA VAL B 77 -10.27 31.72 -4.29
C VAL B 77 -10.08 32.78 -5.37
N GLY B 78 -10.11 32.36 -6.64
CA GLY B 78 -9.97 33.28 -7.75
C GLY B 78 -11.20 34.16 -7.88
N ARG B 79 -12.35 33.60 -7.54
CA ARG B 79 -13.60 34.33 -7.60
C ARG B 79 -13.67 35.35 -6.47
N LEU B 80 -13.23 34.94 -5.29
CA LEU B 80 -13.28 35.79 -4.11
C LEU B 80 -12.23 36.90 -4.17
N ALA B 81 -11.03 36.56 -4.62
CA ALA B 81 -9.95 37.53 -4.74
C ALA B 81 -10.33 38.66 -5.68
N LYS B 82 -10.93 38.30 -6.81
CA LYS B 82 -11.42 39.27 -7.77
C LYS B 82 -12.55 40.11 -7.16
N GLU B 83 -13.42 39.44 -6.43
CA GLU B 83 -14.58 40.10 -5.82
C GLU B 83 -14.17 41.02 -4.68
N ARG B 84 -13.11 40.65 -3.96
CA ARG B 84 -12.58 41.51 -2.91
C ARG B 84 -11.95 42.75 -3.51
N ASP B 85 -11.14 42.56 -4.55
CA ASP B 85 -10.50 43.66 -5.24
C ASP B 85 -11.52 44.66 -5.76
N LEU B 86 -12.65 44.14 -6.25
CA LEU B 86 -13.72 44.99 -6.74
C LEU B 86 -14.25 45.90 -5.63
N TYR B 87 -14.58 45.31 -4.48
CA TYR B 87 -15.10 46.08 -3.35
C TYR B 87 -14.06 47.04 -2.77
N LYS B 88 -12.81 46.58 -2.69
CA LYS B 88 -11.75 47.41 -2.12
C LYS B 88 -11.45 48.64 -2.97
N GLU B 89 -11.40 48.45 -4.29
CA GLU B 89 -11.16 49.56 -5.22
C GLU B 89 -12.28 50.59 -5.16
N LYS B 90 -13.51 50.10 -5.02
CA LYS B 90 -14.67 50.99 -4.93
C LYS B 90 -14.69 51.73 -3.60
N TYR B 91 -14.13 51.10 -2.56
CA TYR B 91 -14.10 51.70 -1.23
C TYR B 91 -13.04 52.78 -1.09
N GLU B 92 -11.81 52.44 -1.45
CA GLU B 92 -10.69 53.37 -1.33
C GLU B 92 -10.91 54.63 -2.18
N LYS B 93 -11.71 54.49 -3.24
CA LYS B 93 -12.06 55.62 -4.09
C LYS B 93 -12.86 56.66 -3.31
N LEU B 94 -13.72 56.18 -2.41
CA LEU B 94 -14.51 57.07 -1.57
C LEU B 94 -13.75 57.43 -0.30
N ALA B 95 -12.52 56.93 -0.21
CA ALA B 95 -11.64 57.21 0.93
C ALA B 95 -12.27 56.85 2.27
#